data_5G21
#
_entry.id   5G21
#
_cell.length_a   48.676
_cell.length_b   91.068
_cell.length_c   53.571
_cell.angle_alpha   90.00
_cell.angle_beta   114.55
_cell.angle_gamma   90.00
#
_symmetry.space_group_name_H-M   'P 1 21 1'
#
loop_
_entity.id
_entity.type
_entity.pdbx_description
1 polymer 'GLYCYLPEPTIDE N-TETRADECANOYLTRANSFERASE'
2 non-polymer 'MAGNESIUM ION'
3 non-polymer TETRADECANOYL-COA
4 non-polymer 'ETHYL 4-[(2-CYANOETHYL)SULFANYL]-6-{[6-(PIPERAZIN-1-YL)'
5 water water
#
_entity_poly.entity_id   1
_entity_poly.type   'polypeptide(L)'
_entity_poly.pdbx_seq_one_letter_code
;AHAFWSTQPVPQTEDETEKIVFAGPMDEPKTVADIPEEPYPIASTFEWWTPNMEAADDIHAIYELLRDNYVEDDDSMFRF
NYSEEFLQWALCPPNYIPDWHVAVRRKADKKLLAFIAGVPVTLRMGTPKYMKVKAQEKGEGEEAAKYDEPRHICEINFLC
VHKQLREKRLAPILIKEATRRVNRTNVWQAVYTAGVLLPTPYASGQYFHRSLNPEKLVEIRFSGIPAQYQKFQNPMAMLK
RNYQLPSAPKNSGLREMKPSDVPQVRRILMNYLDSFDVGPVFSDAEISHYLLPRDGVVFTYVVENDKKVTDFFSFYRIPS
TVIGNSNYNLLNAAYVHYYAATSIPLHQLILDLLIVAHSRGFDVCNMVEILDNRSFVEQLKFGAGDGHLRYYFYNWAYPK
IKPSQVALVML
;
_entity_poly.pdbx_strand_id   A
#
loop_
_chem_comp.id
_chem_comp.type
_chem_comp.name
_chem_comp.formula
MG non-polymer 'MAGNESIUM ION' 'Mg 2'
MYA non-polymer TETRADECANOYL-COA 'C35 H62 N7 O17 P3 S'
YN4 non-polymer 'ETHYL 4-[(2-CYANOETHYL)SULFANYL]-6-{[6-(PIPERAZIN-1-YL)' 'C25 H27 N5 O3 S'
#
# COMPACT_ATOMS: atom_id res chain seq x y z
N ALA A 1 -11.87 -20.47 16.90
CA ALA A 1 -11.54 -20.09 15.51
C ALA A 1 -10.26 -19.20 15.45
N HIS A 2 -10.22 -18.05 16.18
CA HIS A 2 -9.01 -17.17 16.20
C HIS A 2 -8.53 -16.91 17.58
N ALA A 3 -7.58 -17.73 18.03
CA ALA A 3 -7.10 -17.68 19.42
C ALA A 3 -6.46 -16.33 19.69
N PHE A 4 -5.87 -15.69 18.64
CA PHE A 4 -5.30 -14.32 18.85
C PHE A 4 -6.31 -13.24 18.57
N TRP A 5 -6.87 -13.24 17.37
CA TRP A 5 -7.68 -12.12 16.90
C TRP A 5 -8.95 -11.93 17.74
N SER A 6 -9.51 -13.00 18.33
CA SER A 6 -10.64 -12.85 19.22
C SER A 6 -10.27 -12.04 20.49
N THR A 7 -9.00 -11.86 20.80
CA THR A 7 -8.56 -11.16 22.06
C THR A 7 -8.41 -9.63 21.75
N GLN A 8 -8.56 -9.25 20.48
CA GLN A 8 -8.11 -7.87 20.02
C GLN A 8 -9.29 -6.97 19.72
N PRO A 9 -9.03 -5.63 19.74
CA PRO A 9 -10.09 -4.63 19.55
C PRO A 9 -10.33 -4.40 18.03
N VAL A 10 -10.84 -5.42 17.35
CA VAL A 10 -11.28 -5.35 15.94
C VAL A 10 -12.64 -5.95 15.79
N PRO A 11 -13.43 -5.56 14.74
CA PRO A 11 -14.75 -6.19 14.57
C PRO A 11 -14.59 -7.67 14.35
N GLN A 12 -15.43 -8.45 15.04
CA GLN A 12 -15.22 -9.90 15.08
C GLN A 12 -15.95 -10.66 13.96
N THR A 13 -16.96 -10.05 13.34
CA THR A 13 -17.65 -10.69 12.19
C THR A 13 -18.15 -9.63 11.20
N GLU A 14 -18.47 -10.05 9.99
CA GLU A 14 -19.23 -9.23 9.06
C GLU A 14 -20.51 -8.63 9.63
N ASP A 15 -21.26 -9.43 10.40
CA ASP A 15 -22.51 -8.96 11.05
C ASP A 15 -22.28 -7.71 11.88
N GLU A 16 -21.38 -7.83 12.86
CA GLU A 16 -20.84 -6.71 13.62
C GLU A 16 -20.56 -5.47 12.70
N THR A 17 -19.81 -5.69 11.62
CA THR A 17 -19.39 -4.63 10.64
C THR A 17 -20.56 -4.00 9.88
N GLU A 18 -21.63 -4.80 9.68
CA GLU A 18 -22.89 -4.32 9.10
C GLU A 18 -23.78 -3.48 10.06
N LYS A 19 -23.68 -3.74 11.36
CA LYS A 19 -24.33 -2.96 12.43
C LYS A 19 -23.67 -1.59 12.70
N ILE A 20 -22.34 -1.49 12.52
CA ILE A 20 -21.55 -0.23 12.75
C ILE A 20 -22.04 0.92 11.90
N VAL A 21 -22.33 2.01 12.63
CA VAL A 21 -22.94 3.15 12.06
C VAL A 21 -21.95 4.35 12.13
N PHE A 22 -21.14 4.44 13.19
CA PHE A 22 -20.26 5.60 13.34
C PHE A 22 -18.81 5.20 13.46
N ALA A 23 -17.94 6.04 12.93
CA ALA A 23 -16.54 5.86 13.24
C ALA A 23 -16.16 6.14 14.70
N GLY A 24 -15.21 5.41 15.28
CA GLY A 24 -14.76 5.62 16.58
C GLY A 24 -13.97 4.46 17.18
N PRO A 25 -13.36 4.67 18.34
CA PRO A 25 -12.54 3.62 18.96
C PRO A 25 -13.33 2.43 19.43
N MET A 26 -12.70 1.29 19.50
CA MET A 26 -13.44 0.12 20.02
CA MET A 26 -13.40 0.11 19.99
C MET A 26 -13.17 -0.12 21.47
N ASP A 27 -11.92 0.05 21.88
CA ASP A 27 -11.43 -0.22 23.22
C ASP A 27 -11.72 0.94 24.16
N GLU A 28 -11.67 0.62 25.45
CA GLU A 28 -11.72 1.58 26.61
C GLU A 28 -10.62 2.61 26.39
N PRO A 29 -10.87 3.92 26.65
CA PRO A 29 -9.63 4.74 26.51
C PRO A 29 -8.53 4.36 27.52
N LYS A 30 -7.26 4.43 27.11
CA LYS A 30 -6.09 4.18 27.89
C LYS A 30 -5.21 5.34 27.84
N THR A 31 -4.22 5.38 28.71
CA THR A 31 -3.11 6.38 28.63
C THR A 31 -1.80 5.70 28.53
N VAL A 32 -0.77 6.44 28.12
CA VAL A 32 0.51 5.93 27.95
C VAL A 32 1.05 5.25 29.22
N ALA A 33 0.74 5.91 30.37
CA ALA A 33 1.25 5.43 31.66
C ALA A 33 0.72 4.03 31.97
N ASP A 34 -0.45 3.61 31.42
CA ASP A 34 -0.96 2.26 31.67
C ASP A 34 -0.30 1.20 30.81
N ILE A 35 0.54 1.59 29.87
CA ILE A 35 1.09 0.57 28.97
C ILE A 35 2.43 0.13 29.49
N PRO A 36 2.70 -1.21 29.50
CA PRO A 36 3.90 -1.68 30.03
C PRO A 36 5.17 -1.03 29.46
N GLU A 37 6.10 -0.66 30.28
CA GLU A 37 7.32 -0.05 29.81
C GLU A 37 8.40 -0.95 29.23
N GLU A 38 8.34 -2.24 29.64
CA GLU A 38 9.21 -3.37 29.27
CA GLU A 38 9.25 -3.26 29.15
C GLU A 38 8.66 -4.08 28.03
N PRO A 39 9.57 -4.52 27.12
CA PRO A 39 9.12 -5.29 26.00
C PRO A 39 8.42 -6.54 26.43
N TYR A 40 7.56 -6.99 25.55
CA TYR A 40 6.81 -8.22 25.79
C TYR A 40 7.75 -9.37 25.98
N PRO A 41 7.45 -10.27 26.91
CA PRO A 41 8.34 -11.39 27.11
C PRO A 41 8.49 -12.26 25.88
N ILE A 42 9.70 -12.70 25.67
CA ILE A 42 9.94 -13.65 24.51
C ILE A 42 10.93 -14.73 25.00
N ALA A 43 10.92 -15.87 24.34
CA ALA A 43 11.75 -17.04 24.68
C ALA A 43 13.20 -16.65 24.81
N SER A 44 13.94 -17.22 25.81
CA SER A 44 15.28 -16.79 26.11
C SER A 44 16.30 -16.90 25.01
N THR A 45 15.98 -17.74 24.03
CA THR A 45 16.83 -17.88 22.81
C THR A 45 16.65 -16.78 21.77
N PHE A 46 15.60 -15.97 21.90
CA PHE A 46 15.39 -14.85 20.98
C PHE A 46 15.59 -13.57 21.67
N GLU A 47 15.69 -12.50 20.89
CA GLU A 47 15.79 -11.19 21.47
C GLU A 47 15.09 -10.17 20.56
N TRP A 48 14.50 -9.18 21.10
CA TRP A 48 13.98 -8.08 20.31
C TRP A 48 15.13 -7.31 19.74
N TRP A 49 14.88 -6.71 18.55
CA TRP A 49 15.89 -5.85 17.88
C TRP A 49 15.23 -4.72 17.17
N THR A 50 15.72 -3.51 17.36
CA THR A 50 15.19 -2.33 16.64
C THR A 50 16.26 -2.04 15.57
N PRO A 51 16.01 -2.38 14.29
CA PRO A 51 17.03 -2.17 13.22
C PRO A 51 17.20 -0.67 13.07
N ASN A 52 18.39 -0.28 12.61
CA ASN A 52 18.64 1.13 12.21
CA ASN A 52 18.74 1.11 12.26
C ASN A 52 18.52 1.26 10.73
N MET A 53 17.48 1.98 10.35
CA MET A 53 17.05 1.99 8.95
C MET A 53 17.92 2.83 8.01
N GLU A 54 18.93 3.42 8.61
CA GLU A 54 19.97 4.21 7.95
CA GLU A 54 19.93 4.16 7.85
C GLU A 54 21.33 3.47 7.95
N ALA A 55 21.35 2.26 8.53
CA ALA A 55 22.49 1.33 8.56
C ALA A 55 22.25 0.39 7.33
N ALA A 56 23.17 0.40 6.34
CA ALA A 56 23.04 -0.51 5.17
C ALA A 56 22.93 -1.96 5.50
N ASP A 57 23.70 -2.45 6.47
CA ASP A 57 23.74 -3.76 6.86
CA ASP A 57 23.61 -3.92 6.95
C ASP A 57 22.31 -4.21 7.51
N ASP A 58 21.66 -3.26 8.19
CA ASP A 58 20.42 -3.54 8.91
C ASP A 58 19.32 -3.65 7.80
N ILE A 59 19.39 -2.71 6.86
CA ILE A 59 18.39 -2.79 5.74
CA ILE A 59 18.42 -2.67 5.69
C ILE A 59 18.68 -4.01 4.95
N HIS A 60 19.95 -4.41 4.76
CA HIS A 60 20.20 -5.69 4.04
C HIS A 60 19.61 -6.92 4.72
N ALA A 61 19.78 -6.99 6.07
CA ALA A 61 19.21 -8.09 6.78
C ALA A 61 17.70 -8.24 6.60
N ILE A 62 17.01 -7.09 6.70
CA ILE A 62 15.56 -7.07 6.54
C ILE A 62 15.28 -7.46 5.08
N TYR A 63 16.00 -6.85 4.13
CA TYR A 63 15.85 -7.21 2.72
C TYR A 63 15.91 -8.74 2.48
N GLU A 64 16.94 -9.40 3.08
CA GLU A 64 17.04 -10.85 2.88
C GLU A 64 15.98 -11.67 3.51
N LEU A 65 15.51 -11.28 4.72
CA LEU A 65 14.39 -11.96 5.35
C LEU A 65 13.20 -11.92 4.40
N LEU A 66 12.93 -10.70 3.93
CA LEU A 66 11.70 -10.59 3.07
C LEU A 66 11.84 -11.25 1.68
N ARG A 67 13.06 -11.10 1.09
CA ARG A 67 13.28 -11.78 -0.22
C ARG A 67 12.93 -13.25 -0.07
N ASP A 68 13.42 -13.92 1.01
CA ASP A 68 13.16 -15.35 1.07
C ASP A 68 11.94 -15.82 1.81
N ASN A 69 11.27 -14.90 2.54
CA ASN A 69 10.19 -15.37 3.40
C ASN A 69 8.89 -14.51 3.38
N TYR A 70 8.91 -13.46 2.55
CA TYR A 70 7.71 -12.59 2.52
C TYR A 70 6.59 -13.19 1.68
N VAL A 71 5.61 -12.36 1.35
CA VAL A 71 4.36 -12.88 0.79
C VAL A 71 4.44 -13.49 -0.56
N GLU A 72 3.80 -14.65 -0.71
CA GLU A 72 3.62 -15.29 -2.05
C GLU A 72 2.17 -15.25 -2.42
N ASP A 73 1.86 -15.30 -3.67
CA ASP A 73 0.43 -15.47 -4.11
C ASP A 73 -0.05 -16.89 -3.76
N ASP A 74 -1.41 -17.09 -3.84
CA ASP A 74 -1.98 -18.33 -3.31
C ASP A 74 -1.50 -19.55 -4.06
N ASP A 75 -1.03 -19.34 -5.30
CA ASP A 75 -0.40 -20.41 -6.09
C ASP A 75 1.07 -20.51 -6.06
N SER A 76 1.72 -19.74 -5.19
CA SER A 76 3.20 -19.77 -5.11
C SER A 76 3.86 -19.63 -6.46
N MET A 77 3.37 -18.70 -7.26
CA MET A 77 4.02 -18.36 -8.54
C MET A 77 4.99 -17.20 -8.32
N PHE A 78 4.68 -16.36 -7.31
CA PHE A 78 5.50 -15.14 -7.09
C PHE A 78 5.74 -14.94 -5.62
N ARG A 79 6.88 -14.31 -5.30
CA ARG A 79 7.08 -13.81 -3.90
C ARG A 79 7.62 -12.36 -4.09
N PHE A 80 7.11 -11.40 -3.31
CA PHE A 80 7.65 -10.07 -3.49
C PHE A 80 9.14 -9.98 -3.16
N ASN A 81 9.85 -9.14 -3.88
CA ASN A 81 11.30 -8.92 -3.64
C ASN A 81 11.55 -7.41 -3.58
N TYR A 82 10.95 -6.80 -2.53
CA TYR A 82 11.17 -5.41 -2.28
C TYR A 82 12.63 -5.02 -2.21
N SER A 83 13.07 -4.00 -2.88
CA SER A 83 14.52 -3.77 -2.89
C SER A 83 14.97 -3.01 -1.62
N GLU A 84 16.29 -3.00 -1.34
CA GLU A 84 16.79 -2.28 -0.20
C GLU A 84 16.47 -0.81 -0.26
N GLU A 85 16.61 -0.21 -1.47
CA GLU A 85 16.28 1.18 -1.64
C GLU A 85 14.76 1.42 -1.40
N PHE A 86 13.91 0.47 -1.83
CA PHE A 86 12.50 0.65 -1.56
C PHE A 86 12.19 0.58 -0.10
N LEU A 87 12.88 -0.34 0.61
CA LEU A 87 12.64 -0.44 2.06
C LEU A 87 13.02 0.80 2.83
N GLN A 88 14.17 1.36 2.49
CA GLN A 88 14.60 2.64 3.09
CA GLN A 88 14.56 2.61 3.13
C GLN A 88 13.53 3.71 2.89
N TRP A 89 13.00 3.81 1.64
CA TRP A 89 11.95 4.80 1.35
C TRP A 89 10.66 4.55 2.09
N ALA A 90 10.21 3.28 2.09
CA ALA A 90 8.92 3.01 2.73
C ALA A 90 8.97 3.09 4.29
N LEU A 91 10.09 2.76 4.84
CA LEU A 91 10.21 2.59 6.31
C LEU A 91 10.62 3.90 6.96
N CYS A 92 11.18 4.85 6.21
CA CYS A 92 11.70 6.12 6.78
C CYS A 92 11.09 7.38 6.24
N PRO A 93 9.78 7.52 6.28
CA PRO A 93 9.16 8.74 5.82
C PRO A 93 9.41 9.87 6.92
N PRO A 94 9.02 11.11 6.64
CA PRO A 94 9.18 12.20 7.58
C PRO A 94 8.60 11.86 8.94
N ASN A 95 9.41 12.15 9.94
CA ASN A 95 8.95 11.93 11.30
C ASN A 95 8.71 10.48 11.68
N TYR A 96 9.37 9.57 10.97
CA TYR A 96 9.19 8.16 11.35
C TYR A 96 9.76 7.88 12.75
N ILE A 97 9.22 6.88 13.40
CA ILE A 97 9.67 6.55 14.76
CA ILE A 97 9.57 6.54 14.79
C ILE A 97 10.42 5.28 14.66
N PRO A 98 11.75 5.34 14.92
CA PRO A 98 12.58 4.17 14.71
C PRO A 98 12.10 2.93 15.56
N ASP A 99 11.57 3.19 16.76
CA ASP A 99 11.11 2.14 17.66
CA ASP A 99 11.27 2.00 17.57
C ASP A 99 9.93 1.35 17.13
N TRP A 100 9.22 1.95 16.16
CA TRP A 100 8.04 1.20 15.51
C TRP A 100 8.50 0.16 14.55
N HIS A 101 9.78 0.00 14.29
CA HIS A 101 10.31 -1.05 13.42
C HIS A 101 10.76 -2.15 14.42
N VAL A 102 10.14 -3.31 14.34
CA VAL A 102 10.30 -4.35 15.43
C VAL A 102 10.79 -5.58 14.81
N ALA A 103 11.91 -6.13 15.28
CA ALA A 103 12.43 -7.38 14.82
C ALA A 103 12.75 -8.38 15.93
N VAL A 104 12.75 -9.63 15.57
CA VAL A 104 13.21 -10.69 16.48
C VAL A 104 14.44 -11.30 15.83
N ARG A 105 15.53 -11.50 16.63
CA ARG A 105 16.72 -12.16 16.16
C ARG A 105 17.01 -13.34 17.11
N ARG A 106 17.57 -14.38 16.55
CA ARG A 106 18.19 -15.44 17.35
CA ARG A 106 18.20 -15.43 17.36
C ARG A 106 19.40 -14.85 18.12
N LYS A 107 19.40 -15.01 19.47
CA LYS A 107 20.46 -14.39 20.28
CA LYS A 107 20.46 -14.37 20.25
C LYS A 107 21.83 -14.90 19.87
N ALA A 108 21.92 -16.22 19.68
CA ALA A 108 23.24 -16.86 19.47
C ALA A 108 24.04 -16.23 18.35
N ASP A 109 23.40 -16.05 17.18
CA ASP A 109 24.11 -15.63 15.96
C ASP A 109 23.55 -14.36 15.26
N LYS A 110 22.53 -13.77 15.87
CA LYS A 110 21.85 -12.60 15.39
C LYS A 110 21.10 -12.79 14.09
N LYS A 111 20.79 -14.03 13.73
CA LYS A 111 19.89 -14.30 12.61
C LYS A 111 18.49 -13.62 12.78
N LEU A 112 18.09 -12.78 11.81
CA LEU A 112 16.75 -12.14 11.76
C LEU A 112 15.72 -13.21 11.47
N LEU A 113 14.82 -13.41 12.39
CA LEU A 113 13.78 -14.44 12.29
C LEU A 113 12.37 -13.85 12.01
N ALA A 114 12.17 -12.56 12.31
CA ALA A 114 10.79 -12.03 12.14
C ALA A 114 10.91 -10.53 12.15
N PHE A 115 9.87 -9.89 11.53
CA PHE A 115 9.87 -8.41 11.41
C PHE A 115 8.45 -7.94 11.23
N ILE A 116 8.23 -6.72 11.76
CA ILE A 116 7.00 -5.96 11.48
C ILE A 116 7.31 -4.52 11.48
N ALA A 117 6.69 -3.69 10.65
CA ALA A 117 7.05 -2.29 10.66
C ALA A 117 5.85 -1.42 10.75
N GLY A 118 6.01 -0.31 11.49
CA GLY A 118 4.99 0.66 11.57
C GLY A 118 5.56 2.00 11.17
N VAL A 119 4.76 2.80 10.43
CA VAL A 119 5.20 4.18 10.10
C VAL A 119 4.04 5.11 10.42
N PRO A 120 4.31 6.40 10.71
CA PRO A 120 3.20 7.31 10.85
C PRO A 120 2.44 7.57 9.54
N VAL A 121 1.15 7.78 9.74
CA VAL A 121 0.29 8.30 8.64
C VAL A 121 -0.79 9.23 9.27
N THR A 122 -1.10 10.31 8.57
CA THR A 122 -2.25 11.15 9.00
C THR A 122 -3.41 10.82 8.18
N LEU A 123 -4.46 10.23 8.81
CA LEU A 123 -5.53 9.66 8.01
C LEU A 123 -6.87 10.31 8.28
N ARG A 124 -7.62 10.67 7.28
CA ARG A 124 -9.05 10.93 7.52
C ARG A 124 -9.73 9.60 7.61
N MET A 125 -10.41 9.38 8.71
CA MET A 125 -11.07 8.14 8.95
C MET A 125 -12.33 8.37 9.82
N GLY A 126 -12.93 9.51 9.50
CA GLY A 126 -14.27 9.73 10.14
C GLY A 126 -15.42 8.99 9.43
N THR A 127 -16.64 9.09 10.02
CA THR A 127 -17.76 8.47 9.38
C THR A 127 -17.96 8.74 7.92
N PRO A 128 -18.20 7.68 7.08
CA PRO A 128 -18.36 7.89 5.65
C PRO A 128 -19.53 8.75 5.29
N LYS A 129 -19.55 9.25 4.06
CA LYS A 129 -20.68 10.10 3.61
C LYS A 129 -21.99 9.30 3.72
N TYR A 130 -22.07 8.03 3.26
CA TYR A 130 -23.43 7.58 3.31
CA TYR A 130 -23.36 7.28 3.24
C TYR A 130 -23.91 7.17 4.71
N MET A 131 -23.01 7.02 5.66
CA MET A 131 -23.44 6.91 7.06
C MET A 131 -23.80 8.25 7.69
N LYS A 132 -23.22 9.33 7.18
CA LYS A 132 -23.44 10.62 7.79
C LYS A 132 -24.82 11.10 7.35
N VAL A 133 -25.25 10.69 6.15
CA VAL A 133 -26.64 10.90 5.65
C VAL A 133 -27.63 10.25 6.59
N LYS A 134 -27.59 8.91 6.69
CA LYS A 134 -28.42 8.23 7.64
C LYS A 134 -28.37 8.86 9.04
N ALA A 135 -27.42 9.76 9.35
CA ALA A 135 -27.28 10.29 10.74
C ALA A 135 -27.93 11.62 10.92
N GLN A 136 -28.35 12.21 9.82
CA GLN A 136 -29.20 13.43 9.83
C GLN A 136 -30.67 13.10 9.93
N GLU A 137 -31.03 11.99 9.27
CA GLU A 137 -32.35 11.28 9.36
C GLU A 137 -32.56 10.63 10.76
N LYS A 138 -31.49 10.49 11.52
CA LYS A 138 -31.68 9.96 12.84
C LYS A 138 -31.67 11.07 13.88
N GLY A 139 -31.38 12.35 13.54
CA GLY A 139 -31.10 13.37 14.57
C GLY A 139 -29.64 13.45 15.12
N GLU A 140 -28.80 12.54 14.62
CA GLU A 140 -27.44 12.20 15.16
C GLU A 140 -26.12 12.73 14.49
N GLY A 141 -26.17 13.87 13.81
CA GLY A 141 -25.02 14.47 13.09
C GLY A 141 -23.79 14.74 13.95
N GLU A 142 -23.96 15.24 15.18
CA GLU A 142 -22.83 15.48 16.02
C GLU A 142 -22.05 14.15 16.37
N GLU A 143 -22.76 13.08 16.70
CA GLU A 143 -21.96 11.90 17.01
CA GLU A 143 -22.14 11.78 16.97
C GLU A 143 -21.33 11.39 15.71
N ALA A 144 -21.99 11.57 14.59
CA ALA A 144 -21.41 11.04 13.33
C ALA A 144 -20.18 11.78 12.91
N ALA A 145 -19.98 13.05 13.29
CA ALA A 145 -18.86 13.85 12.82
C ALA A 145 -17.73 13.99 13.86
N LYS A 146 -17.91 13.34 15.02
CA LYS A 146 -17.04 13.51 16.14
C LYS A 146 -15.54 13.26 15.80
N TYR A 147 -15.26 12.30 14.90
CA TYR A 147 -13.86 11.92 14.60
C TYR A 147 -13.44 12.28 13.17
N ASP A 148 -14.00 13.33 12.63
CA ASP A 148 -13.67 13.83 11.28
C ASP A 148 -12.27 14.41 11.10
N GLU A 149 -11.64 14.92 12.17
CA GLU A 149 -10.39 15.57 12.04
C GLU A 149 -9.37 14.46 11.63
N PRO A 150 -8.51 14.76 10.63
CA PRO A 150 -7.43 13.74 10.34
C PRO A 150 -6.69 13.33 11.61
N ARG A 151 -6.38 12.04 11.72
CA ARG A 151 -5.78 11.51 12.88
C ARG A 151 -4.41 11.02 12.62
N HIS A 152 -3.50 11.21 13.55
CA HIS A 152 -2.11 10.77 13.38
C HIS A 152 -2.05 9.36 13.93
N ILE A 153 -1.97 8.38 13.03
CA ILE A 153 -2.04 6.93 13.49
C ILE A 153 -0.81 6.18 12.93
N CYS A 154 -0.87 4.86 13.01
CA CYS A 154 0.26 3.94 12.53
C CYS A 154 -0.24 3.16 11.32
N GLU A 155 0.64 3.04 10.34
CA GLU A 155 0.39 2.13 9.22
C GLU A 155 1.32 0.96 9.38
N ILE A 156 0.78 -0.28 9.38
CA ILE A 156 1.55 -1.49 9.61
C ILE A 156 1.80 -2.19 8.32
N ASN A 157 3.06 -2.64 8.10
CA ASN A 157 3.31 -3.41 6.88
C ASN A 157 4.52 -4.30 7.18
N PHE A 158 4.82 -5.20 6.22
CA PHE A 158 5.99 -6.03 6.19
C PHE A 158 6.02 -7.06 7.34
N LEU A 159 4.88 -7.52 7.84
CA LEU A 159 4.89 -8.59 8.85
C LEU A 159 5.45 -9.85 8.21
N CYS A 160 6.47 -10.44 8.83
CA CYS A 160 7.18 -11.61 8.20
C CYS A 160 7.76 -12.48 9.29
N VAL A 161 7.43 -13.77 9.24
CA VAL A 161 8.12 -14.77 10.12
C VAL A 161 8.89 -15.66 9.16
N HIS A 162 10.12 -15.94 9.50
CA HIS A 162 10.97 -16.87 8.69
C HIS A 162 10.20 -18.20 8.47
N LYS A 163 10.28 -18.75 7.27
CA LYS A 163 9.60 -20.03 7.00
C LYS A 163 9.88 -21.18 7.99
N GLN A 164 11.04 -21.12 8.62
CA GLN A 164 11.32 -22.24 9.59
C GLN A 164 10.64 -22.12 10.91
N LEU A 165 10.01 -20.98 11.16
CA LEU A 165 9.41 -20.64 12.43
C LEU A 165 7.92 -20.47 12.27
N ARG A 166 7.39 -20.91 11.17
CA ARG A 166 5.94 -20.71 10.93
C ARG A 166 5.07 -21.55 11.81
N GLU A 167 3.87 -21.09 12.09
CA GLU A 167 2.84 -21.82 12.87
C GLU A 167 3.31 -22.12 14.29
N LYS A 168 4.16 -21.26 14.83
CA LYS A 168 4.61 -21.36 16.24
C LYS A 168 4.06 -20.21 17.07
N ARG A 169 3.04 -19.47 16.56
CA ARG A 169 2.42 -18.34 17.29
C ARG A 169 3.35 -17.16 17.49
N LEU A 170 4.39 -16.99 16.67
CA LEU A 170 5.29 -15.88 16.77
C LEU A 170 4.65 -14.56 16.22
N ALA A 171 3.78 -14.66 15.23
CA ALA A 171 3.17 -13.45 14.63
C ALA A 171 2.35 -12.72 15.73
N PRO A 172 1.55 -13.40 16.57
CA PRO A 172 0.81 -12.61 17.60
C PRO A 172 1.83 -11.86 18.51
N ILE A 173 2.95 -12.45 18.88
CA ILE A 173 3.91 -11.80 19.77
C ILE A 173 4.45 -10.57 19.10
N LEU A 174 4.70 -10.65 17.81
CA LEU A 174 5.17 -9.49 17.04
CA LEU A 174 5.22 -9.46 17.10
C LEU A 174 4.12 -8.39 17.04
N ILE A 175 2.89 -8.74 16.78
CA ILE A 175 1.79 -7.78 16.72
C ILE A 175 1.64 -7.15 18.12
N LYS A 176 1.75 -7.97 19.17
CA LYS A 176 1.54 -7.39 20.53
C LYS A 176 2.62 -6.40 20.86
N GLU A 177 3.82 -6.67 20.46
CA GLU A 177 4.99 -5.84 20.80
C GLU A 177 4.95 -4.56 19.96
N ALA A 178 4.61 -4.69 18.69
CA ALA A 178 4.34 -3.44 17.96
C ALA A 178 3.23 -2.59 18.49
N THR A 179 2.13 -3.18 18.90
CA THR A 179 1.03 -2.44 19.50
C THR A 179 1.60 -1.71 20.74
N ARG A 180 2.32 -2.41 21.55
CA ARG A 180 2.85 -1.72 22.80
C ARG A 180 3.68 -0.50 22.43
N ARG A 181 4.63 -0.69 21.48
CA ARG A 181 5.54 0.45 21.07
CA ARG A 181 5.53 0.43 21.07
C ARG A 181 4.74 1.59 20.48
N VAL A 182 3.71 1.33 19.68
CA VAL A 182 2.87 2.41 19.15
C VAL A 182 2.06 3.07 20.31
N ASN A 183 1.44 2.26 21.15
CA ASN A 183 0.67 2.84 22.27
C ASN A 183 1.57 3.67 23.23
N ARG A 184 2.82 3.31 23.36
CA ARG A 184 3.76 4.08 24.23
C ARG A 184 3.97 5.47 23.68
N THR A 185 3.72 5.62 22.38
CA THR A 185 3.77 6.99 21.73
C THR A 185 2.44 7.67 21.67
N ASN A 186 1.39 7.24 22.41
CA ASN A 186 0.11 7.79 22.46
C ASN A 186 -0.66 7.73 21.16
N VAL A 187 -0.41 6.60 20.42
CA VAL A 187 -1.25 6.32 19.24
C VAL A 187 -1.99 4.98 19.47
N TRP A 188 -3.28 4.97 19.11
CA TRP A 188 -4.16 3.88 19.50
C TRP A 188 -4.89 3.25 18.40
N GLN A 189 -4.70 3.73 17.14
CA GLN A 189 -5.26 3.11 15.96
C GLN A 189 -4.12 2.79 14.99
N ALA A 190 -4.44 1.75 14.19
CA ALA A 190 -3.51 1.45 13.02
C ALA A 190 -4.40 1.10 11.87
N VAL A 191 -3.77 1.29 10.67
CA VAL A 191 -4.39 0.78 9.44
C VAL A 191 -3.40 -0.18 8.83
N TYR A 192 -4.01 -1.23 8.19
CA TYR A 192 -3.08 -2.27 7.54
C TYR A 192 -3.92 -2.92 6.46
N THR A 193 -3.15 -3.55 5.53
CA THR A 193 -3.84 -4.31 4.48
C THR A 193 -3.27 -5.71 4.49
N ALA A 194 -4.02 -6.63 3.88
CA ALA A 194 -3.51 -8.01 3.66
C ALA A 194 -4.25 -8.60 2.49
N GLY A 195 -3.62 -9.59 1.88
CA GLY A 195 -4.27 -10.41 0.82
C GLY A 195 -5.27 -11.36 1.45
N VAL A 196 -5.04 -11.83 2.65
CA VAL A 196 -5.83 -12.83 3.33
C VAL A 196 -6.95 -12.14 4.06
N LEU A 197 -8.01 -12.90 4.25
CA LEU A 197 -9.16 -12.48 5.06
C LEU A 197 -8.98 -12.79 6.50
N LEU A 198 -9.04 -11.71 7.30
CA LEU A 198 -8.92 -11.73 8.75
C LEU A 198 -10.11 -11.01 9.34
N PRO A 199 -10.30 -11.12 10.67
CA PRO A 199 -11.41 -10.31 11.28
C PRO A 199 -10.95 -8.83 11.36
N THR A 200 -11.63 -7.87 10.73
CA THR A 200 -12.66 -8.00 9.72
C THR A 200 -12.42 -6.75 8.86
N PRO A 201 -12.39 -6.89 7.54
CA PRO A 201 -12.00 -5.71 6.72
C PRO A 201 -13.10 -4.68 6.70
N TYR A 202 -12.73 -3.42 6.65
CA TYR A 202 -13.78 -2.36 6.29
C TYR A 202 -13.91 -2.13 4.83
N ALA A 203 -12.97 -2.65 3.98
CA ALA A 203 -13.13 -2.51 2.55
C ALA A 203 -12.29 -3.62 1.89
N SER A 204 -12.67 -4.05 0.71
CA SER A 204 -11.87 -5.06 -0.02
CA SER A 204 -11.95 -5.12 -0.04
C SER A 204 -11.98 -4.77 -1.50
N GLY A 205 -10.88 -4.92 -2.25
CA GLY A 205 -10.90 -4.65 -3.69
C GLY A 205 -10.12 -5.67 -4.44
N GLN A 206 -10.52 -6.00 -5.65
CA GLN A 206 -9.70 -6.85 -6.48
C GLN A 206 -8.46 -6.17 -6.95
N TYR A 207 -7.41 -6.95 -7.20
CA TYR A 207 -6.27 -6.47 -7.98
C TYR A 207 -6.57 -6.46 -9.46
N PHE A 208 -5.93 -5.59 -10.20
CA PHE A 208 -6.00 -5.50 -11.65
C PHE A 208 -4.60 -5.42 -12.18
N HIS A 209 -4.34 -6.00 -13.33
CA HIS A 209 -2.99 -5.93 -13.94
CA HIS A 209 -2.98 -6.07 -13.96
C HIS A 209 -3.13 -5.63 -15.42
N ARG A 210 -2.13 -4.92 -15.92
CA ARG A 210 -2.09 -4.50 -17.33
C ARG A 210 -0.76 -5.03 -17.82
N SER A 211 -0.80 -5.95 -18.81
CA SER A 211 0.44 -6.50 -19.39
CA SER A 211 0.43 -6.50 -19.40
C SER A 211 1.20 -5.47 -20.19
N LEU A 212 2.51 -5.31 -19.93
CA LEU A 212 3.30 -4.37 -20.74
C LEU A 212 4.26 -5.18 -21.60
N ASN A 213 4.81 -6.31 -21.12
CA ASN A 213 5.73 -7.23 -21.92
C ASN A 213 5.07 -8.61 -21.98
N PRO A 214 4.07 -8.79 -22.91
CA PRO A 214 3.29 -10.02 -22.89
C PRO A 214 4.13 -11.24 -23.24
N GLU A 215 5.24 -11.06 -23.96
CA GLU A 215 6.13 -12.19 -24.25
C GLU A 215 6.63 -12.84 -22.95
N LYS A 216 7.12 -12.00 -22.04
CA LYS A 216 7.66 -12.45 -20.77
C LYS A 216 6.58 -12.99 -19.87
N LEU A 217 5.48 -12.26 -19.71
CA LEU A 217 4.33 -12.75 -18.95
C LEU A 217 3.83 -14.15 -19.34
N VAL A 218 4.12 -14.51 -20.61
CA VAL A 218 3.84 -15.85 -21.17
C VAL A 218 4.86 -16.89 -20.73
N GLU A 219 6.15 -16.55 -20.83
CA GLU A 219 7.23 -17.47 -20.60
C GLU A 219 7.23 -17.96 -19.13
N ILE A 220 6.60 -17.14 -18.27
CA ILE A 220 6.35 -17.38 -16.86
C ILE A 220 4.84 -17.57 -16.65
N ARG A 221 4.35 -18.63 -17.29
CA ARG A 221 2.92 -19.02 -17.36
CA ARG A 221 2.91 -18.95 -17.44
C ARG A 221 1.87 -18.24 -16.52
N PHE A 222 2.11 -16.95 -16.27
CA PHE A 222 1.04 -16.11 -15.66
C PHE A 222 -0.03 -15.80 -16.73
N SER A 223 0.45 -15.46 -17.94
CA SER A 223 -0.38 -15.34 -19.18
C SER A 223 -0.36 -16.70 -19.95
N GLY A 224 0.84 -17.16 -20.36
CA GLY A 224 0.94 -18.44 -20.95
C GLY A 224 0.20 -18.67 -22.28
N ILE A 225 0.09 -17.57 -23.06
CA ILE A 225 -0.90 -17.41 -24.17
C ILE A 225 -2.28 -17.67 -23.57
N PRO A 226 -2.82 -16.64 -22.80
CA PRO A 226 -4.13 -16.81 -22.11
C PRO A 226 -5.10 -17.64 -22.96
N ALA A 227 -5.79 -18.58 -22.32
CA ALA A 227 -6.57 -19.60 -23.01
C ALA A 227 -7.36 -19.02 -24.19
N GLN A 228 -8.07 -17.88 -23.97
CA GLN A 228 -8.86 -17.19 -25.03
C GLN A 228 -8.13 -16.85 -26.37
N TYR A 229 -6.79 -16.92 -26.36
CA TYR A 229 -5.97 -16.61 -27.55
C TYR A 229 -5.69 -17.83 -28.42
N GLN A 230 -6.25 -18.99 -28.04
CA GLN A 230 -5.96 -20.28 -28.73
C GLN A 230 -6.47 -20.34 -30.17
N LYS A 231 -7.77 -20.06 -30.39
CA LYS A 231 -8.42 -20.10 -31.75
C LYS A 231 -7.76 -19.20 -32.82
N PHE A 232 -6.82 -18.36 -32.37
CA PHE A 232 -6.03 -17.58 -33.29
C PHE A 232 -5.05 -18.47 -34.02
N GLN A 233 -4.98 -18.23 -35.32
CA GLN A 233 -3.86 -18.67 -36.13
C GLN A 233 -2.54 -18.52 -35.35
N ASN A 234 -2.28 -17.29 -34.92
CA ASN A 234 -1.00 -16.88 -34.38
C ASN A 234 -1.11 -16.22 -32.98
N PRO A 235 -1.04 -17.03 -31.92
CA PRO A 235 -1.47 -16.48 -30.65
C PRO A 235 -0.59 -15.30 -30.15
N MET A 236 0.74 -15.36 -30.36
CA MET A 236 1.66 -14.35 -29.82
C MET A 236 1.70 -12.96 -30.50
N ALA A 237 1.66 -12.95 -31.84
CA ALA A 237 1.65 -11.67 -32.57
C ALA A 237 0.40 -10.85 -32.20
N MET A 238 -0.70 -11.60 -32.02
CA MET A 238 -2.01 -11.03 -31.63
C MET A 238 -1.85 -10.46 -30.21
N LEU A 239 -1.21 -11.26 -29.34
CA LEU A 239 -1.01 -10.84 -27.95
C LEU A 239 -0.19 -9.55 -27.87
N LYS A 240 0.96 -9.52 -28.52
CA LYS A 240 1.74 -8.29 -28.55
C LYS A 240 1.04 -7.11 -29.15
N ARG A 241 0.35 -7.37 -30.29
CA ARG A 241 -0.52 -6.36 -30.92
CA ARG A 241 -0.44 -6.28 -30.89
C ARG A 241 -1.53 -5.79 -29.92
N ASN A 242 -2.17 -6.69 -29.19
CA ASN A 242 -3.20 -6.17 -28.29
C ASN A 242 -2.65 -5.23 -27.20
N TYR A 243 -1.47 -5.56 -26.72
CA TYR A 243 -0.98 -4.77 -25.59
C TYR A 243 0.06 -3.76 -25.96
N GLN A 244 0.32 -3.57 -27.27
CA GLN A 244 1.31 -2.57 -27.64
C GLN A 244 1.00 -1.16 -27.19
N LEU A 245 2.03 -0.35 -26.96
CA LEU A 245 1.87 1.01 -26.48
C LEU A 245 2.75 1.95 -27.29
N PRO A 246 2.36 3.22 -27.33
CA PRO A 246 3.28 4.20 -27.91
C PRO A 246 4.63 4.29 -27.25
N SER A 247 5.63 4.80 -27.97
CA SER A 247 7.01 4.95 -27.37
C SER A 247 7.19 6.13 -26.44
N ALA A 248 6.34 7.13 -26.57
CA ALA A 248 6.56 8.35 -25.93
C ALA A 248 5.19 8.87 -25.47
N PRO A 249 5.07 9.59 -24.33
CA PRO A 249 3.81 10.09 -23.79
C PRO A 249 3.08 10.97 -24.79
N LYS A 250 1.79 11.00 -24.66
CA LYS A 250 0.97 11.75 -25.58
CA LYS A 250 0.92 11.75 -25.56
C LYS A 250 0.67 13.15 -25.05
N ASN A 251 0.72 13.37 -23.76
CA ASN A 251 0.36 14.65 -23.20
C ASN A 251 1.60 15.57 -23.34
N SER A 252 1.31 16.55 -24.20
N SER A 252 1.60 16.63 -24.17
CA SER A 252 1.88 17.84 -24.15
CA SER A 252 2.89 17.38 -24.38
C SER A 252 1.67 18.37 -22.73
C SER A 252 3.61 18.13 -23.16
N GLY A 253 2.82 18.58 -22.21
CA GLY A 253 3.15 19.18 -20.90
C GLY A 253 3.72 18.14 -19.94
N LEU A 254 3.79 16.84 -20.33
CA LEU A 254 4.29 15.88 -19.25
C LEU A 254 5.79 15.93 -19.06
N ARG A 255 6.25 15.92 -17.79
CA ARG A 255 7.68 15.88 -17.51
C ARG A 255 7.81 15.25 -16.13
N GLU A 256 9.01 14.83 -15.79
CA GLU A 256 9.19 14.39 -14.38
C GLU A 256 8.93 15.49 -13.37
N MET A 257 8.40 15.13 -12.22
CA MET A 257 8.23 16.04 -11.08
C MET A 257 9.59 16.44 -10.52
N LYS A 258 9.63 17.71 -10.14
CA LYS A 258 10.87 18.23 -9.54
CA LYS A 258 10.84 18.36 -9.61
C LYS A 258 10.49 18.88 -8.21
N PRO A 259 11.48 19.20 -7.36
CA PRO A 259 11.13 19.69 -6.06
C PRO A 259 10.22 20.95 -6.02
N SER A 260 10.38 21.86 -7.00
CA SER A 260 9.60 23.07 -6.93
C SER A 260 8.10 22.80 -7.25
N ASP A 261 7.82 21.59 -7.74
CA ASP A 261 6.40 21.21 -7.94
C ASP A 261 5.67 20.77 -6.67
N VAL A 262 6.39 20.56 -5.59
CA VAL A 262 5.76 19.98 -4.40
C VAL A 262 4.49 20.74 -3.92
N PRO A 263 4.51 22.11 -3.77
CA PRO A 263 3.27 22.69 -3.34
C PRO A 263 2.01 22.52 -4.21
N GLN A 264 2.21 22.62 -5.49
CA GLN A 264 1.13 22.46 -6.45
C GLN A 264 0.62 20.99 -6.47
N VAL A 265 1.56 20.06 -6.46
CA VAL A 265 1.13 18.62 -6.34
C VAL A 265 0.41 18.35 -5.03
N ARG A 266 0.89 18.93 -3.99
CA ARG A 266 0.13 18.78 -2.69
CA ARG A 266 0.14 18.78 -2.74
C ARG A 266 -1.32 19.27 -2.76
N ARG A 267 -1.39 20.47 -3.33
CA ARG A 267 -2.77 21.06 -3.48
CA ARG A 267 -2.71 21.03 -3.47
C ARG A 267 -3.74 20.22 -4.37
N ILE A 268 -3.28 19.82 -5.55
CA ILE A 268 -4.18 19.11 -6.44
C ILE A 268 -4.47 17.66 -5.87
N LEU A 269 -3.48 17.06 -5.26
CA LEU A 269 -3.78 15.76 -4.66
C LEU A 269 -4.70 15.87 -3.51
N MET A 270 -4.50 16.82 -2.60
CA MET A 270 -5.36 16.94 -1.40
CA MET A 270 -5.35 16.94 -1.39
C MET A 270 -6.78 17.26 -1.87
N ASN A 271 -6.94 18.08 -2.89
CA ASN A 271 -8.29 18.42 -3.41
CA ASN A 271 -8.31 18.41 -3.32
C ASN A 271 -8.99 17.16 -3.89
N TYR A 272 -8.23 16.29 -4.55
CA TYR A 272 -8.83 15.08 -5.10
C TYR A 272 -9.07 14.08 -4.00
N LEU A 273 -8.11 13.83 -3.11
CA LEU A 273 -8.23 12.83 -2.03
CA LEU A 273 -8.37 12.79 -2.14
C LEU A 273 -9.45 13.13 -1.13
N ASP A 274 -9.74 14.44 -1.00
CA ASP A 274 -10.88 14.88 -0.14
CA ASP A 274 -10.85 14.82 -0.08
C ASP A 274 -12.24 14.25 -0.40
N SER A 275 -12.44 13.95 -1.65
CA SER A 275 -13.67 13.34 -2.06
CA SER A 275 -13.63 13.32 -2.11
C SER A 275 -13.89 11.91 -1.55
N PHE A 276 -12.85 11.25 -1.01
CA PHE A 276 -13.05 9.87 -0.64
C PHE A 276 -13.25 9.78 0.84
N ASP A 277 -13.84 8.71 1.29
CA ASP A 277 -14.15 8.57 2.69
C ASP A 277 -13.02 8.29 3.60
N VAL A 278 -12.03 7.47 3.13
CA VAL A 278 -10.87 7.23 3.96
C VAL A 278 -9.57 7.59 3.10
N GLY A 279 -8.79 8.52 3.61
CA GLY A 279 -7.65 8.95 2.73
C GLY A 279 -6.62 9.67 3.57
N PRO A 280 -5.37 9.70 3.07
CA PRO A 280 -4.31 10.32 3.84
C PRO A 280 -4.27 11.87 3.62
N VAL A 281 -3.64 12.52 4.56
CA VAL A 281 -3.38 13.96 4.44
C VAL A 281 -1.87 14.08 4.49
N PHE A 282 -1.29 14.74 3.47
CA PHE A 282 0.20 14.82 3.40
C PHE A 282 0.70 16.27 3.58
N SER A 283 1.72 16.40 4.40
CA SER A 283 2.48 17.71 4.45
C SER A 283 3.31 17.89 3.18
N ASP A 284 3.90 19.08 2.97
CA ASP A 284 4.81 19.23 1.86
C ASP A 284 5.96 18.22 2.00
N ALA A 285 6.52 18.01 3.22
CA ALA A 285 7.62 17.06 3.42
C ALA A 285 7.22 15.61 3.02
N GLU A 286 5.97 15.26 3.33
CA GLU A 286 5.48 13.89 2.95
C GLU A 286 5.25 13.82 1.48
N ILE A 287 4.74 14.89 0.85
CA ILE A 287 4.67 14.85 -0.60
C ILE A 287 6.00 14.72 -1.23
N SER A 288 6.99 15.49 -0.78
CA SER A 288 8.36 15.33 -1.26
CA SER A 288 8.32 15.32 -1.31
C SER A 288 8.86 13.88 -1.12
N HIS A 289 8.68 13.31 0.07
CA HIS A 289 9.23 11.99 0.34
C HIS A 289 8.53 10.91 -0.55
N TYR A 290 7.21 10.95 -0.56
CA TYR A 290 6.54 9.85 -1.29
C TYR A 290 6.41 10.04 -2.81
N LEU A 291 6.62 11.26 -3.34
CA LEU A 291 6.39 11.47 -4.78
C LEU A 291 7.60 11.94 -5.54
N LEU A 292 8.58 12.59 -4.91
CA LEU A 292 9.74 12.93 -5.80
C LEU A 292 10.45 11.75 -6.35
N PRO A 293 10.76 11.76 -7.62
CA PRO A 293 11.36 10.57 -8.22
C PRO A 293 12.59 10.08 -7.45
N ARG A 294 12.66 8.77 -7.29
CA ARG A 294 13.83 8.07 -6.72
C ARG A 294 14.14 6.93 -7.58
N ASP A 295 15.41 6.85 -8.13
CA ASP A 295 15.75 5.79 -9.00
C ASP A 295 15.48 4.42 -8.51
N GLY A 296 14.85 3.68 -9.42
CA GLY A 296 14.46 2.30 -9.08
C GLY A 296 13.27 2.05 -8.12
N VAL A 297 12.74 3.16 -7.64
CA VAL A 297 11.77 3.07 -6.50
C VAL A 297 10.44 3.74 -6.85
N VAL A 298 10.45 5.01 -7.10
CA VAL A 298 9.22 5.73 -7.36
C VAL A 298 9.44 6.71 -8.47
N PHE A 299 8.40 6.80 -9.29
CA PHE A 299 8.48 7.52 -10.62
C PHE A 299 7.30 8.44 -10.66
N THR A 300 7.47 9.77 -10.88
CA THR A 300 6.32 10.72 -10.80
C THR A 300 6.49 11.73 -11.88
N TYR A 301 5.37 11.93 -12.59
CA TYR A 301 5.31 12.90 -13.72
C TYR A 301 4.17 13.84 -13.48
N VAL A 302 4.36 15.12 -13.94
CA VAL A 302 3.35 16.12 -13.88
C VAL A 302 3.03 16.60 -15.29
N VAL A 303 1.81 17.09 -15.43
CA VAL A 303 1.43 17.78 -16.67
C VAL A 303 1.49 19.25 -16.18
N GLU A 304 2.37 20.00 -16.85
CA GLU A 304 2.49 21.43 -16.57
CA GLU A 304 2.50 21.43 -16.58
C GLU A 304 2.22 22.16 -17.87
N ASN A 305 1.20 22.99 -17.76
CA ASN A 305 0.95 23.94 -18.84
CA ASN A 305 0.60 23.87 -18.80
C ASN A 305 0.81 25.33 -18.28
N ASP A 306 1.50 26.22 -19.04
CA ASP A 306 1.55 27.69 -18.71
C ASP A 306 2.10 27.86 -17.27
N LYS A 307 3.20 27.11 -17.00
CA LYS A 307 3.84 27.06 -15.65
C LYS A 307 2.94 26.65 -14.42
N LYS A 308 1.83 25.96 -14.71
CA LYS A 308 0.97 25.45 -13.66
C LYS A 308 0.79 23.93 -13.78
N VAL A 309 1.02 23.29 -12.66
CA VAL A 309 0.80 21.79 -12.60
C VAL A 309 -0.66 21.56 -12.49
N THR A 310 -1.22 20.83 -13.45
CA THR A 310 -2.65 20.69 -13.47
C THR A 310 -2.99 19.18 -13.25
N ASP A 311 -1.99 18.33 -13.48
CA ASP A 311 -2.28 16.84 -13.39
C ASP A 311 -0.98 16.20 -12.99
N PHE A 312 -1.06 14.99 -12.37
CA PHE A 312 0.20 14.23 -12.19
C PHE A 312 -0.16 12.75 -11.99
N PHE A 313 0.88 11.92 -12.15
CA PHE A 313 0.66 10.49 -11.74
C PHE A 313 1.96 10.01 -11.14
N SER A 314 1.87 8.91 -10.38
CA SER A 314 3.12 8.29 -9.82
C SER A 314 2.87 6.78 -9.86
N PHE A 315 4.02 6.09 -9.95
CA PHE A 315 3.99 4.61 -9.76
C PHE A 315 5.23 4.20 -9.10
N TYR A 316 5.15 3.04 -8.40
CA TYR A 316 6.42 2.57 -7.74
C TYR A 316 6.69 1.15 -8.17
N ARG A 317 7.96 0.71 -7.95
CA ARG A 317 8.43 -0.57 -8.43
C ARG A 317 8.60 -1.61 -7.32
N ILE A 318 8.00 -2.75 -7.50
CA ILE A 318 8.30 -3.88 -6.61
C ILE A 318 8.57 -5.06 -7.54
N PRO A 319 9.83 -5.51 -7.62
CA PRO A 319 10.05 -6.76 -8.36
C PRO A 319 9.53 -7.99 -7.56
N SER A 320 9.17 -9.05 -8.22
CA SER A 320 8.85 -10.31 -7.56
C SER A 320 9.79 -11.41 -8.11
N THR A 321 10.18 -12.24 -7.20
CA THR A 321 10.82 -13.56 -7.55
C THR A 321 9.80 -14.40 -8.21
N VAL A 322 10.20 -14.94 -9.39
CA VAL A 322 9.29 -15.91 -10.07
C VAL A 322 9.71 -17.33 -9.60
N ILE A 323 8.81 -17.93 -8.83
CA ILE A 323 9.11 -19.22 -8.11
C ILE A 323 9.13 -20.36 -9.12
N GLY A 324 10.18 -21.15 -8.99
CA GLY A 324 10.25 -22.37 -9.80
C GLY A 324 10.52 -22.08 -11.26
N ASN A 325 11.16 -20.95 -11.54
CA ASN A 325 11.49 -20.55 -12.90
C ASN A 325 12.86 -19.90 -12.85
N SER A 326 13.82 -20.67 -13.34
CA SER A 326 15.20 -20.21 -13.49
C SER A 326 15.48 -19.52 -14.85
N ASN A 327 14.73 -19.84 -15.93
CA ASN A 327 14.81 -19.09 -17.20
C ASN A 327 14.52 -17.55 -17.01
N TYR A 328 13.39 -17.24 -16.35
CA TYR A 328 12.94 -15.89 -15.94
C TYR A 328 12.69 -15.95 -14.44
N ASN A 329 13.63 -15.39 -13.67
CA ASN A 329 13.68 -15.44 -12.23
C ASN A 329 13.00 -14.23 -11.62
N LEU A 330 12.81 -13.19 -12.41
CA LEU A 330 12.29 -11.93 -11.86
C LEU A 330 11.20 -11.24 -12.68
N LEU A 331 10.17 -10.74 -11.96
CA LEU A 331 9.06 -9.97 -12.63
C LEU A 331 9.20 -8.54 -12.23
N ASN A 332 9.26 -7.60 -13.18
CA ASN A 332 9.53 -6.22 -12.85
C ASN A 332 8.16 -5.50 -12.91
N ALA A 333 7.52 -5.31 -11.76
CA ALA A 333 6.10 -4.79 -11.78
C ALA A 333 6.15 -3.36 -11.33
N ALA A 334 5.32 -2.54 -11.96
CA ALA A 334 4.97 -1.18 -11.59
C ALA A 334 3.58 -1.14 -11.01
N TYR A 335 3.41 -0.38 -9.93
CA TYR A 335 2.14 -0.28 -9.19
C TYR A 335 1.68 1.16 -9.28
N VAL A 336 0.39 1.36 -9.60
CA VAL A 336 -0.16 2.74 -9.68
C VAL A 336 -0.16 3.25 -8.25
N HIS A 337 0.38 4.50 -8.08
CA HIS A 337 0.43 5.13 -6.81
C HIS A 337 -0.55 6.31 -6.82
N TYR A 338 -0.26 7.43 -6.22
CA TYR A 338 -1.28 8.54 -6.27
C TYR A 338 -1.21 9.24 -7.59
N TYR A 339 -2.35 9.93 -7.91
CA TYR A 339 -2.47 10.74 -9.14
C TYR A 339 -3.60 11.73 -8.89
N ALA A 340 -3.62 12.73 -9.85
CA ALA A 340 -4.81 13.67 -9.76
C ALA A 340 -4.93 14.16 -11.21
N ALA A 341 -6.16 14.23 -11.73
CA ALA A 341 -6.40 14.78 -13.08
C ALA A 341 -7.38 15.94 -12.96
N THR A 342 -6.97 17.08 -13.55
CA THR A 342 -7.93 18.23 -13.60
C THR A 342 -8.16 18.70 -15.00
N SER A 343 -7.26 18.42 -15.93
CA SER A 343 -7.35 18.95 -17.31
C SER A 343 -7.65 17.94 -18.35
N ILE A 344 -7.51 16.64 -18.01
CA ILE A 344 -7.72 15.59 -19.02
C ILE A 344 -8.46 14.43 -18.41
N PRO A 345 -9.10 13.56 -19.25
CA PRO A 345 -9.71 12.41 -18.67
C PRO A 345 -8.60 11.57 -17.94
N LEU A 346 -9.06 10.96 -16.86
CA LEU A 346 -8.12 10.06 -16.13
C LEU A 346 -7.51 9.03 -17.06
N HIS A 347 -8.29 8.36 -17.95
CA HIS A 347 -7.70 7.41 -18.89
C HIS A 347 -6.58 7.91 -19.77
N GLN A 348 -6.67 9.21 -20.18
CA GLN A 348 -5.60 9.78 -20.92
C GLN A 348 -4.28 10.05 -20.07
N LEU A 349 -4.51 10.37 -18.82
CA LEU A 349 -3.36 10.57 -17.86
C LEU A 349 -2.69 9.19 -17.64
N ILE A 350 -3.49 8.16 -17.41
CA ILE A 350 -2.87 6.88 -16.98
C ILE A 350 -2.36 6.13 -18.16
N LEU A 351 -2.86 6.41 -19.41
CA LEU A 351 -2.19 5.91 -20.58
C LEU A 351 -0.68 6.32 -20.66
N ASP A 352 -0.47 7.58 -20.24
CA ASP A 352 0.94 8.01 -20.17
C ASP A 352 1.75 7.31 -19.07
N LEU A 353 1.10 6.98 -17.97
CA LEU A 353 1.78 6.09 -16.99
C LEU A 353 2.20 4.80 -17.61
N LEU A 354 1.31 4.12 -18.37
CA LEU A 354 1.65 2.86 -18.94
C LEU A 354 2.77 3.00 -19.99
N ILE A 355 2.70 4.11 -20.78
CA ILE A 355 3.75 4.38 -21.74
C ILE A 355 5.15 4.55 -21.11
N VAL A 356 5.19 5.35 -20.08
CA VAL A 356 6.41 5.55 -19.30
C VAL A 356 6.88 4.22 -18.70
N ALA A 357 5.97 3.52 -18.06
CA ALA A 357 6.40 2.25 -17.40
C ALA A 357 6.94 1.25 -18.42
N HIS A 358 6.26 1.10 -19.59
CA HIS A 358 6.71 0.22 -20.60
C HIS A 358 8.14 0.63 -21.13
N SER A 359 8.28 1.93 -21.38
CA SER A 359 9.54 2.51 -21.85
CA SER A 359 9.54 2.46 -21.88
CA SER A 359 9.54 2.53 -21.85
C SER A 359 10.68 2.24 -20.88
N ARG A 360 10.37 2.22 -19.60
CA ARG A 360 11.40 2.00 -18.57
C ARG A 360 11.58 0.50 -18.24
N GLY A 361 11.04 -0.45 -19.00
CA GLY A 361 11.32 -1.84 -18.77
C GLY A 361 10.48 -2.62 -17.83
N PHE A 362 9.37 -2.05 -17.44
CA PHE A 362 8.44 -2.84 -16.61
C PHE A 362 7.64 -3.83 -17.37
N ASP A 363 7.33 -4.95 -16.71
CA ASP A 363 6.65 -6.06 -17.39
C ASP A 363 5.15 -5.99 -17.26
N VAL A 364 4.63 -5.33 -16.22
CA VAL A 364 3.16 -5.34 -15.91
C VAL A 364 2.98 -4.10 -15.05
N CYS A 365 1.76 -3.56 -15.08
CA CYS A 365 1.35 -2.51 -14.24
C CYS A 365 0.18 -3.04 -13.40
N ASN A 366 0.31 -2.95 -12.06
CA ASN A 366 -0.73 -3.45 -11.16
C ASN A 366 -1.38 -2.38 -10.38
N MET A 367 -2.59 -2.64 -9.87
CA MET A 367 -3.25 -1.68 -8.98
C MET A 367 -4.40 -2.40 -8.21
N VAL A 368 -4.90 -1.81 -7.16
CA VAL A 368 -6.13 -2.30 -6.52
C VAL A 368 -7.19 -1.36 -7.03
N GLU A 369 -8.45 -1.83 -7.02
CA GLU A 369 -9.58 -0.95 -7.45
C GLU A 369 -10.00 0.10 -6.44
N ILE A 370 -9.05 0.80 -5.86
CA ILE A 370 -9.27 1.96 -4.99
C ILE A 370 -9.26 3.24 -5.84
N LEU A 371 -9.43 4.37 -5.18
CA LEU A 371 -9.42 5.69 -5.90
C LEU A 371 -10.43 5.67 -7.09
N ASP A 372 -10.10 6.17 -8.27
CA ASP A 372 -10.97 6.03 -9.44
C ASP A 372 -10.43 5.04 -10.43
N ASN A 373 -9.67 4.05 -9.88
CA ASN A 373 -8.97 3.09 -10.76
C ASN A 373 -9.92 2.28 -11.67
N ARG A 374 -11.18 2.13 -11.23
CA ARG A 374 -12.11 1.40 -12.15
C ARG A 374 -12.44 2.18 -13.42
N SER A 375 -12.24 3.50 -13.39
CA SER A 375 -12.63 4.29 -14.57
CA SER A 375 -12.58 4.36 -14.55
C SER A 375 -11.75 4.14 -15.78
N PHE A 376 -10.57 3.52 -15.68
CA PHE A 376 -9.79 3.34 -16.81
C PHE A 376 -9.44 1.87 -17.11
N VAL A 377 -10.06 0.92 -16.35
CA VAL A 377 -9.73 -0.52 -16.53
C VAL A 377 -9.96 -1.00 -17.94
N GLU A 378 -11.19 -0.73 -18.47
CA GLU A 378 -11.46 -1.29 -19.82
C GLU A 378 -10.72 -0.64 -20.97
N GLN A 379 -10.67 0.66 -20.96
CA GLN A 379 -10.03 1.32 -22.06
C GLN A 379 -8.52 1.09 -22.12
N LEU A 380 -7.95 0.91 -20.91
CA LEU A 380 -6.51 0.69 -20.86
C LEU A 380 -6.15 -0.77 -20.69
N LYS A 381 -7.14 -1.68 -20.84
CA LYS A 381 -6.83 -3.12 -21.01
C LYS A 381 -6.25 -3.75 -19.76
N PHE A 382 -6.65 -3.24 -18.62
CA PHE A 382 -6.42 -3.98 -17.32
C PHE A 382 -7.39 -5.16 -17.22
N GLY A 383 -6.92 -6.19 -16.66
CA GLY A 383 -7.69 -7.41 -16.36
C GLY A 383 -7.75 -7.62 -14.85
N ALA A 384 -8.92 -8.01 -14.30
CA ALA A 384 -9.01 -8.40 -12.92
C ALA A 384 -8.15 -9.58 -12.62
N GLY A 385 -7.48 -9.48 -11.47
CA GLY A 385 -6.57 -10.48 -11.04
C GLY A 385 -7.19 -11.58 -10.20
N ASP A 386 -6.32 -12.52 -9.88
CA ASP A 386 -6.57 -13.32 -8.72
C ASP A 386 -6.03 -12.40 -7.64
N GLY A 387 -6.77 -12.51 -6.61
CA GLY A 387 -6.40 -11.82 -5.55
C GLY A 387 -7.14 -10.53 -5.36
N HIS A 388 -7.15 -10.25 -4.08
CA HIS A 388 -7.77 -9.09 -3.54
C HIS A 388 -6.83 -8.44 -2.56
N LEU A 389 -7.13 -7.20 -2.22
CA LEU A 389 -6.44 -6.56 -1.08
C LEU A 389 -7.49 -6.11 -0.10
N ARG A 390 -7.37 -6.49 1.14
CA ARG A 390 -8.39 -6.20 2.16
C ARG A 390 -7.82 -5.10 3.06
N TYR A 391 -8.62 -4.10 3.40
CA TYR A 391 -8.17 -3.00 4.31
C TYR A 391 -8.78 -3.13 5.68
N TYR A 392 -7.95 -2.90 6.66
CA TYR A 392 -8.31 -3.13 8.05
C TYR A 392 -7.88 -1.95 8.93
N PHE A 393 -8.68 -1.74 10.03
CA PHE A 393 -8.20 -0.95 11.11
C PHE A 393 -8.05 -1.75 12.37
N TYR A 394 -7.19 -1.29 13.21
CA TYR A 394 -6.99 -1.77 14.60
C TYR A 394 -7.58 -0.73 15.53
N ASN A 395 -8.48 -1.19 16.41
CA ASN A 395 -9.12 -0.29 17.40
C ASN A 395 -9.90 0.83 16.72
N TRP A 396 -10.68 0.55 15.72
CA TRP A 396 -11.52 1.53 15.04
C TRP A 396 -12.70 0.93 14.42
N ALA A 397 -13.84 1.19 15.04
CA ALA A 397 -15.09 0.84 14.38
C ALA A 397 -15.37 1.59 13.18
N TYR A 398 -15.72 0.93 12.09
CA TYR A 398 -15.91 1.61 10.88
C TYR A 398 -16.94 0.85 9.98
N PRO A 399 -17.90 1.57 9.38
CA PRO A 399 -18.86 0.91 8.48
C PRO A 399 -18.18 0.26 7.28
N LYS A 400 -18.73 -0.79 6.71
CA LYS A 400 -18.24 -1.28 5.44
CA LYS A 400 -18.25 -1.28 5.43
C LYS A 400 -18.34 -0.20 4.34
N ILE A 401 -17.26 -0.04 3.55
CA ILE A 401 -17.26 0.89 2.44
C ILE A 401 -16.80 0.24 1.18
N LYS A 402 -17.15 0.75 0.03
CA LYS A 402 -16.73 0.16 -1.24
C LYS A 402 -15.23 0.56 -1.42
N PRO A 403 -14.49 -0.20 -2.20
CA PRO A 403 -13.05 0.20 -2.35
C PRO A 403 -12.90 1.52 -3.08
N SER A 404 -13.89 1.96 -3.90
CA SER A 404 -13.80 3.22 -4.62
C SER A 404 -14.04 4.35 -3.64
N GLN A 405 -14.28 4.05 -2.38
CA GLN A 405 -14.27 5.14 -1.33
CA GLN A 405 -14.32 5.07 -1.31
C GLN A 405 -12.99 5.23 -0.47
N VAL A 406 -11.95 4.41 -0.92
CA VAL A 406 -10.66 4.39 -0.24
C VAL A 406 -9.58 5.04 -1.13
N ALA A 407 -8.86 5.96 -0.48
CA ALA A 407 -7.83 6.72 -1.20
C ALA A 407 -6.44 6.47 -0.62
N LEU A 408 -6.27 5.52 0.30
CA LEU A 408 -4.93 5.24 0.91
C LEU A 408 -4.26 4.13 0.03
N VAL A 409 -3.12 4.46 -0.62
CA VAL A 409 -2.35 3.42 -1.38
C VAL A 409 -1.40 2.75 -0.37
N MET A 410 -1.40 1.40 -0.41
CA MET A 410 -0.57 0.66 0.55
C MET A 410 0.56 -0.15 -0.13
N LEU A 411 1.77 0.19 0.32
CA LEU A 411 2.99 -0.27 -0.44
C LEU A 411 3.22 -1.78 -0.24
MG MG B . 5.21 -18.63 14.17
S1 MYA C . 0.20 -8.41 5.40
C2 MYA C . 1.60 -9.44 4.89
C3 MYA C . 1.69 -10.64 5.86
N4 MYA C . 2.93 -11.36 5.56
C5 MYA C . 3.09 -12.47 4.87
O5 MYA C . 2.07 -13.05 4.41
C6 MYA C . 4.49 -13.01 4.69
C7 MYA C . 4.50 -14.56 4.67
N8 MYA C . 3.94 -15.19 5.86
C9 MYA C . 4.41 -15.06 7.04
O9 MYA C . 5.43 -14.48 7.28
C10 MYA C . 3.64 -15.73 8.20
O10 MYA C . 2.75 -16.68 7.60
C11 MYA C . 2.77 -14.71 9.07
C12 MYA C . 1.86 -15.46 10.05
C13 MYA C . 1.80 -13.86 8.14
C14 MYA C . 3.69 -13.77 9.80
N1A MYA C . -1.92 -10.39 9.32
O1A MYA C . 1.30 -19.18 14.28
P1A MYA C . 1.54 -17.78 13.69
C1X MYA C . -2.70 -14.59 12.21
C2A MYA C . -2.39 -10.51 10.61
O2A MYA C . 2.77 -17.11 14.08
P2A MYA C . 2.51 -17.81 10.98
C2M MYA C . 0.92 -7.33 6.49
O2M MYA C . 2.13 -7.14 6.61
C2X MYA C . -3.59 -15.85 12.06
O2X MYA C . -4.91 -15.44 11.83
N3A MYA C . -2.47 -11.69 11.24
O3A MYA C . 1.41 -17.92 12.07
C3M MYA C . -0.02 -6.56 7.44
C3X MYA C . -3.38 -16.38 13.48
O3X MYA C . -4.20 -15.69 14.46
P3X MYA C . -5.51 -16.42 14.99
C4A MYA C . -2.23 -12.81 10.48
O4A MYA C . 3.79 -18.28 11.39
C4M MYA C . 0.11 -7.20 8.83
C4X MYA C . -2.00 -16.09 13.89
O4X MYA C . -1.57 -15.08 12.88
C5A MYA C . -1.79 -12.74 9.20
O5A MYA C . 1.87 -18.30 9.73
C5M MYA C . -0.93 -6.62 9.81
C5X MYA C . -1.04 -17.22 13.58
O5X MYA C . 0.25 -16.88 13.98
C6A MYA C . -1.73 -11.47 8.59
N6A MYA C . -1.33 -11.30 7.32
O6A MYA C . 2.80 -16.19 10.84
C6M MYA C . -0.68 -7.18 11.26
N7A MYA C . -1.65 -14.03 8.78
O7A MYA C . -6.27 -15.50 15.91
C7M MYA C . -1.76 -6.73 12.28
C8A MYA C . -1.92 -14.83 9.77
O8A MYA C . -4.99 -17.72 15.60
C8M MYA C . -1.41 -5.30 12.70
N9A MYA C . -2.29 -14.10 10.85
O9A MYA C . -6.28 -16.69 13.75
C9M MYA C . -2.34 -4.92 13.87
CAM MYA C . -2.10 -3.44 14.28
CBM MYA C . -0.90 -3.39 15.21
CCM MYA C . -0.54 -1.93 15.68
CDM MYA C . -1.66 -1.35 16.59
CEM MYA C . -1.18 0.08 17.00
CFM MYA C . -2.31 0.77 17.72
N YN4 D . 1.10 -7.73 -6.03
N YN4 D . -2.01 -7.80 -9.99
C7 YN4 D . 0.20 -7.83 -6.71
C7 YN4 D . -1.42 -7.76 -9.00
C6 YN4 D . -0.95 -7.99 -7.53
C6 YN4 D . -0.60 -7.76 -7.76
C5 YN4 D . -1.41 -9.27 -6.85
C5 YN4 D . -1.03 -9.00 -6.91
S YN4 D . -0.66 -10.60 -7.77
S YN4 D . -0.64 -10.55 -7.76
C4 YN4 D . 1.08 -10.63 -7.64
C4 YN4 D . 1.10 -10.62 -7.64
C8 YN4 D . 1.59 -11.04 -6.33
C8 YN4 D . 1.59 -11.04 -6.33
C23 YN4 D . 3.04 -10.98 -6.20
C23 YN4 D . 3.04 -10.98 -6.19
N4 YN4 D . 3.86 -10.56 -7.19
N4 YN4 D . 3.86 -10.57 -7.18
C24 YN4 D . 3.42 -10.17 -8.39
C24 YN4 D . 3.43 -10.17 -8.39
C3 YN4 D . 2.06 -10.22 -8.65
C3 YN4 D . 2.08 -10.20 -8.65
C YN4 D . 1.73 -9.77 -10.03
C YN4 D . 1.75 -9.76 -10.03
O1 YN4 D . 0.70 -10.43 -10.68
O1 YN4 D . 0.71 -10.41 -10.67
C1 YN4 D . 0.46 -10.02 -12.06
C1 YN4 D . 0.46 -10.01 -12.06
C2 YN4 D . 1.56 -10.62 -12.92
C2 YN4 D . 1.55 -10.63 -12.92
O YN4 D . 2.40 -8.93 -10.61
O YN4 D . 2.40 -8.92 -10.61
C22 YN4 D . 3.58 -11.30 -4.96
C22 YN4 D . 3.59 -11.32 -4.97
C21 YN4 D . 2.75 -11.71 -3.98
C21 YN4 D . 2.75 -11.72 -3.98
C10 YN4 D . 1.38 -11.79 -4.09
C10 YN4 D . 1.38 -11.79 -4.09
C9 YN4 D . 0.76 -11.45 -5.29
C9 YN4 D . 0.76 -11.45 -5.29
O2 YN4 D . 0.65 -12.20 -2.99
O2 YN4 D . 0.65 -12.20 -2.99
C11 YN4 D . -0.73 -11.71 -2.83
C11 YN4 D . -0.74 -11.71 -2.83
C12 YN4 D . -0.63 -10.43 -2.02
C12 YN4 D . -0.62 -10.44 -2.04
C20 YN4 D . -0.67 -9.15 -2.64
C20 YN4 D . -0.67 -9.16 -2.65
N3 YN4 D . -0.57 -8.05 -1.89
N3 YN4 D . -0.57 -8.05 -1.89
C15 YN4 D . -0.33 -8.09 -0.53
C15 YN4 D . -0.34 -8.10 -0.54
C14 YN4 D . -0.29 -9.32 0.10
C14 YN4 D . -0.30 -9.33 0.09
C13 YN4 D . -0.45 -10.49 -0.66
C13 YN4 D . -0.46 -10.50 -0.67
N1 YN4 D . -0.07 -6.95 0.17
N1 YN4 D . -0.07 -6.96 0.16
C19 YN4 D . 0.31 -7.11 1.57
C19 YN4 D . 0.30 -7.11 1.56
C18 YN4 D . 0.36 -5.80 2.37
C18 YN4 D . 0.36 -5.79 2.35
N2 YN4 D . 0.85 -4.68 1.55
N2 YN4 D . 0.83 -4.67 1.53
C17 YN4 D . 0.24 -4.45 0.26
C17 YN4 D . 0.22 -4.46 0.23
C16 YN4 D . 0.23 -5.73 -0.57
C16 YN4 D . 0.24 -5.73 -0.59
#